data_9RG8
#
_entry.id   9RG8
#
_cell.length_a   52.394
_cell.length_b   52.394
_cell.length_c   361.382
_cell.angle_alpha   90
_cell.angle_beta   90
_cell.angle_gamma   120
#
_symmetry.space_group_name_H-M   'P 61 2 2'
#
loop_
_entity.id
_entity.type
_entity.pdbx_description
1 polymer '5-hydroxymethyl-dUMP N-hydrolase'
2 non-polymer 2-[1-methyl-5-[[1-[3-(pyrimidin-2-ylamino)phenyl]carbonylpiperidin-4-yl]amino]-1,2,4-triazol-3-yl]-1~{H}-indole-6-carbonitrile
3 water water
#
_entity_poly.entity_id   1
_entity_poly.type   'polypeptide(L)'
_entity_poly.pdbx_seq_one_letter_code
;MRPALYFCGSIRGGREDRTLYERIVSRLRRFGTVLTEHVAAAELGARGEEAAGGDRLIHEQDLEWLQQADVVVAEVTQPS
LGVGYELGRAVAFNKRILCLFRPQSGRVLSAMIRGAADGSRFQVWDYEEGEVEALLDRYFEADPLEENLYFQ
;
_entity_poly.pdbx_strand_id   A,B
#
# COMPACT_ATOMS: atom_id res chain seq x y z
N ARG A 2 9.32 -20.01 -18.36
CA ARG A 2 9.16 -18.55 -18.44
C ARG A 2 8.89 -17.98 -17.04
N PRO A 3 9.38 -16.74 -16.78
CA PRO A 3 9.15 -16.14 -15.45
C PRO A 3 7.69 -15.87 -15.10
N ALA A 4 7.41 -15.73 -13.79
CA ALA A 4 6.08 -15.43 -13.32
C ALA A 4 6.01 -13.92 -13.06
N LEU A 5 5.00 -13.25 -13.63
CA LEU A 5 4.82 -11.80 -13.50
C LEU A 5 3.51 -11.50 -12.79
N TYR A 6 3.54 -10.59 -11.80
CA TYR A 6 2.37 -10.16 -11.03
C TYR A 6 1.98 -8.76 -11.50
N PHE A 7 0.71 -8.53 -11.87
CA PHE A 7 0.27 -7.17 -12.20
C PHE A 7 -0.85 -6.73 -11.27
N CYS A 8 -0.83 -5.46 -10.87
CA CYS A 8 -1.91 -4.87 -10.10
C CYS A 8 -2.11 -3.41 -10.49
N GLY A 9 -3.33 -2.98 -10.31
CA GLY A 9 -3.80 -1.61 -10.50
C GLY A 9 -5.10 -1.43 -9.73
N SER A 10 -5.52 -0.16 -9.56
CA SER A 10 -6.75 0.18 -8.88
C SER A 10 -7.99 -0.47 -9.54
N ILE A 11 -9.02 -0.82 -8.73
CA ILE A 11 -10.26 -1.45 -9.19
C ILE A 11 -11.20 -0.46 -9.92
N ASP A 17 -9.64 3.20 -18.54
CA ASP A 17 -8.86 2.81 -17.36
C ASP A 17 -8.50 1.32 -17.43
N ARG A 18 -9.52 0.45 -17.62
CA ARG A 18 -9.26 -0.98 -17.76
C ARG A 18 -8.59 -1.29 -19.10
N THR A 19 -8.84 -0.46 -20.15
CA THR A 19 -8.20 -0.62 -21.46
C THR A 19 -6.68 -0.47 -21.33
N LEU A 20 -6.24 0.51 -20.55
CA LEU A 20 -4.80 0.74 -20.34
C LEU A 20 -4.16 -0.45 -19.60
N TYR A 21 -4.84 -0.97 -18.57
CA TYR A 21 -4.35 -2.12 -17.82
C TYR A 21 -4.26 -3.35 -18.72
N GLU A 22 -5.23 -3.53 -19.63
CA GLU A 22 -5.22 -4.61 -20.60
C GLU A 22 -4.04 -4.46 -21.58
N ARG A 23 -3.67 -3.21 -21.91
CA ARG A 23 -2.53 -2.95 -22.78
C ARG A 23 -1.25 -3.37 -22.08
N ILE A 24 -1.13 -3.11 -20.77
CA ILE A 24 0.02 -3.46 -19.95
C ILE A 24 0.12 -4.97 -19.84
N VAL A 25 -0.96 -5.65 -19.41
CA VAL A 25 -1.01 -7.10 -19.28
C VAL A 25 -0.71 -7.82 -20.62
N SER A 26 -1.26 -7.33 -21.75
CA SER A 26 -1.02 -7.91 -23.09
C SER A 26 0.44 -7.85 -23.47
N ARG A 27 1.14 -6.79 -23.06
CA ARG A 27 2.56 -6.70 -23.32
C ARG A 27 3.32 -7.59 -22.36
N LEU A 28 2.91 -7.65 -21.08
CA LEU A 28 3.56 -8.49 -20.07
C LEU A 28 3.59 -9.97 -20.49
N ARG A 29 2.54 -10.45 -21.20
CA ARG A 29 2.42 -11.84 -21.67
C ARG A 29 3.57 -12.27 -22.58
N ARG A 30 4.19 -11.32 -23.28
CA ARG A 30 5.33 -11.62 -24.15
C ARG A 30 6.55 -12.10 -23.36
N PHE A 31 6.68 -11.66 -22.11
CA PHE A 31 7.84 -11.92 -21.27
C PHE A 31 7.67 -13.02 -20.22
N GLY A 32 6.44 -13.45 -19.98
CA GLY A 32 6.20 -14.49 -18.99
C GLY A 32 4.75 -14.76 -18.71
N THR A 33 4.48 -15.49 -17.62
CA THR A 33 3.12 -15.86 -17.22
C THR A 33 2.54 -14.79 -16.32
N VAL A 34 1.42 -14.16 -16.73
CA VAL A 34 0.80 -13.15 -15.87
C VAL A 34 -0.13 -13.80 -14.89
N LEU A 35 0.35 -13.99 -13.65
CA LEU A 35 -0.39 -14.64 -12.58
C LEU A 35 -1.76 -14.00 -12.28
N THR A 36 -1.86 -12.68 -12.40
CA THR A 36 -3.06 -11.95 -12.03
C THR A 36 -3.99 -11.48 -13.17
N GLU A 37 -3.91 -12.07 -14.38
CA GLU A 37 -4.81 -11.65 -15.47
C GLU A 37 -6.23 -12.20 -15.38
N GLY A 54 -14.14 -14.47 2.84
CA GLY A 54 -14.46 -13.90 1.54
C GLY A 54 -13.36 -12.98 1.04
N ASP A 55 -13.18 -11.84 1.73
CA ASP A 55 -12.09 -10.91 1.43
C ASP A 55 -10.75 -11.52 1.91
N ARG A 56 -10.77 -12.36 2.95
CA ARG A 56 -9.62 -13.08 3.47
C ARG A 56 -9.09 -14.03 2.39
N LEU A 57 -9.98 -14.64 1.59
CA LEU A 57 -9.61 -15.54 0.50
C LEU A 57 -8.95 -14.77 -0.64
N ILE A 58 -9.43 -13.55 -0.93
CA ILE A 58 -8.81 -12.67 -1.94
C ILE A 58 -7.38 -12.34 -1.48
N HIS A 59 -7.23 -11.93 -0.21
CA HIS A 59 -5.95 -11.59 0.37
C HIS A 59 -4.94 -12.71 0.30
N GLU A 60 -5.35 -13.93 0.68
CA GLU A 60 -4.44 -15.06 0.67
C GLU A 60 -4.02 -15.49 -0.73
N GLN A 61 -4.95 -15.41 -1.69
CA GLN A 61 -4.63 -15.79 -3.05
C GLN A 61 -3.63 -14.78 -3.65
N ASP A 62 -3.87 -13.48 -3.41
CA ASP A 62 -2.98 -12.41 -3.84
C ASP A 62 -1.58 -12.57 -3.25
N LEU A 63 -1.48 -12.92 -1.96
CA LEU A 63 -0.20 -13.11 -1.29
C LEU A 63 0.56 -14.30 -1.85
N GLU A 64 -0.16 -15.39 -2.18
CA GLU A 64 0.47 -16.57 -2.78
C GLU A 64 1.05 -16.18 -4.16
N TRP A 65 0.27 -15.47 -4.97
CA TRP A 65 0.69 -14.99 -6.28
C TRP A 65 1.88 -14.04 -6.20
N LEU A 66 1.92 -13.21 -5.16
CA LEU A 66 2.99 -12.25 -4.89
C LEU A 66 4.28 -13.01 -4.55
N GLN A 67 4.16 -14.06 -3.74
CA GLN A 67 5.30 -14.87 -3.36
C GLN A 67 5.85 -15.65 -4.56
N GLN A 68 4.98 -16.10 -5.47
CA GLN A 68 5.38 -16.85 -6.67
C GLN A 68 6.00 -15.98 -7.77
N ALA A 69 5.78 -14.66 -7.75
CA ALA A 69 6.27 -13.78 -8.81
C ALA A 69 7.79 -13.52 -8.81
N ASP A 70 8.36 -13.35 -9.99
CA ASP A 70 9.76 -12.97 -10.15
C ASP A 70 9.90 -11.43 -10.26
N VAL A 71 8.86 -10.76 -10.82
CA VAL A 71 8.75 -9.32 -10.97
C VAL A 71 7.30 -8.89 -10.72
N VAL A 72 7.13 -7.84 -9.92
CA VAL A 72 5.84 -7.27 -9.59
C VAL A 72 5.73 -5.96 -10.36
N VAL A 73 4.64 -5.76 -11.10
CA VAL A 73 4.40 -4.55 -11.88
C VAL A 73 3.14 -3.90 -11.37
N ALA A 74 3.24 -2.66 -10.88
CA ALA A 74 2.07 -1.96 -10.37
C ALA A 74 1.84 -0.69 -11.18
N GLU A 75 0.61 -0.44 -11.63
CA GLU A 75 0.30 0.83 -12.28
C GLU A 75 -0.12 1.70 -11.07
N VAL A 76 0.70 2.70 -10.71
CA VAL A 76 0.45 3.49 -9.51
C VAL A 76 -0.14 4.91 -9.74
N THR A 77 -0.75 5.18 -10.89
CA THR A 77 -1.32 6.49 -11.17
C THR A 77 -2.56 6.76 -10.28
N GLN A 78 -3.41 5.75 -10.11
CA GLN A 78 -4.62 5.91 -9.32
C GLN A 78 -4.33 5.53 -7.87
N PRO A 79 -4.59 6.44 -6.91
CA PRO A 79 -4.39 6.11 -5.49
C PRO A 79 -5.20 4.85 -5.08
N SER A 80 -4.55 3.95 -4.34
CA SER A 80 -5.14 2.68 -3.96
C SER A 80 -4.39 2.14 -2.77
N LEU A 81 -5.14 1.85 -1.68
CA LEU A 81 -4.63 1.21 -0.48
C LEU A 81 -4.15 -0.19 -0.81
N GLY A 82 -4.91 -0.92 -1.65
CA GLY A 82 -4.61 -2.27 -2.10
C GLY A 82 -3.32 -2.39 -2.89
N VAL A 83 -3.09 -1.50 -3.86
CA VAL A 83 -1.86 -1.49 -4.67
C VAL A 83 -0.66 -1.17 -3.78
N GLY A 84 -0.83 -0.21 -2.87
CA GLY A 84 0.18 0.18 -1.90
C GLY A 84 0.57 -0.99 -1.03
N TYR A 85 -0.45 -1.70 -0.46
CA TYR A 85 -0.26 -2.85 0.41
C TYR A 85 0.51 -3.95 -0.29
N GLU A 86 0.15 -4.26 -1.57
CA GLU A 86 0.85 -5.27 -2.35
C GLU A 86 2.31 -4.85 -2.61
N LEU A 87 2.57 -3.56 -2.79
CA LEU A 87 3.91 -3.05 -2.99
C LEU A 87 4.72 -3.22 -1.69
N GLY A 88 4.10 -2.91 -0.55
CA GLY A 88 4.72 -3.07 0.76
C GLY A 88 5.10 -4.52 1.00
N ARG A 89 4.17 -5.45 0.72
CA ARG A 89 4.44 -6.87 0.89
C ARG A 89 5.50 -7.40 -0.09
N ALA A 90 5.50 -6.92 -1.35
CA ALA A 90 6.48 -7.34 -2.34
C ALA A 90 7.92 -6.95 -1.96
N VAL A 91 8.11 -5.74 -1.37
CA VAL A 91 9.40 -5.22 -0.90
C VAL A 91 9.98 -6.15 0.17
N ALA A 92 9.14 -6.58 1.13
CA ALA A 92 9.60 -7.49 2.16
C ALA A 92 9.82 -8.92 1.66
N PHE A 93 9.24 -9.30 0.51
CA PHE A 93 9.50 -10.59 -0.15
C PHE A 93 10.72 -10.48 -1.12
N ASN A 94 11.42 -9.32 -1.14
CA ASN A 94 12.58 -9.00 -1.97
C ASN A 94 12.32 -9.18 -3.45
N LYS A 95 11.17 -8.68 -3.89
CA LYS A 95 10.77 -8.79 -5.29
C LYS A 95 11.30 -7.62 -6.11
N ARG A 96 11.56 -7.90 -7.40
CA ARG A 96 11.97 -6.95 -8.43
C ARG A 96 10.64 -6.22 -8.73
N ILE A 97 10.58 -4.89 -8.50
CA ILE A 97 9.36 -4.09 -8.66
C ILE A 97 9.46 -2.99 -9.71
N LEU A 98 8.43 -2.90 -10.58
CA LEU A 98 8.32 -1.84 -11.57
C LEU A 98 7.00 -1.12 -11.32
N CYS A 99 7.06 0.16 -10.90
CA CYS A 99 5.87 0.97 -10.72
C CYS A 99 5.75 1.91 -11.93
N LEU A 100 4.59 1.90 -12.59
CA LEU A 100 4.35 2.77 -13.72
C LEU A 100 3.45 3.94 -13.29
N PHE A 101 3.90 5.17 -13.51
CA PHE A 101 3.14 6.35 -13.13
C PHE A 101 2.94 7.29 -14.33
N ARG A 102 1.74 7.88 -14.49
CA ARG A 102 1.51 8.86 -15.56
C ARG A 102 1.39 10.26 -15.03
N PRO A 103 2.42 11.12 -15.21
CA PRO A 103 2.31 12.53 -14.76
C PRO A 103 1.20 13.32 -15.47
N GLN A 104 0.87 12.93 -16.72
CA GLN A 104 -0.17 13.59 -17.50
C GLN A 104 -1.58 13.46 -16.92
N SER A 105 -1.75 12.63 -15.89
CA SER A 105 -2.99 12.49 -15.14
C SER A 105 -3.27 13.74 -14.29
N GLY A 106 -2.27 14.59 -14.07
CA GLY A 106 -2.40 15.76 -13.21
C GLY A 106 -2.09 15.46 -11.75
N ARG A 107 -1.96 14.17 -11.39
CA ARG A 107 -1.65 13.78 -10.03
C ARG A 107 -0.18 13.89 -9.73
N VAL A 108 0.12 14.01 -8.43
CA VAL A 108 1.48 14.02 -7.93
C VAL A 108 1.64 12.67 -7.23
N LEU A 109 2.59 11.83 -7.68
CA LEU A 109 2.76 10.51 -7.07
C LEU A 109 3.19 10.64 -5.61
N SER A 110 2.61 9.80 -4.74
CA SER A 110 2.91 9.69 -3.32
C SER A 110 4.44 9.68 -3.07
N ALA A 111 4.90 10.54 -2.14
CA ALA A 111 6.28 10.62 -1.72
C ALA A 111 6.76 9.25 -1.18
N MET A 112 5.87 8.50 -0.51
CA MET A 112 6.21 7.16 -0.02
C MET A 112 6.65 6.25 -1.18
N ILE A 113 5.87 6.19 -2.27
CA ILE A 113 6.18 5.33 -3.41
C ILE A 113 7.36 5.87 -4.22
N ARG A 114 7.45 7.19 -4.33
CA ARG A 114 8.53 7.86 -5.05
C ARG A 114 9.87 7.58 -4.32
N GLY A 115 9.88 7.74 -3.01
CA GLY A 115 11.04 7.52 -2.15
C GLY A 115 11.38 6.07 -1.88
N ALA A 116 10.46 5.14 -2.19
CA ALA A 116 10.72 3.71 -2.03
C ALA A 116 11.66 3.16 -3.14
N ALA A 117 11.72 3.86 -4.27
CA ALA A 117 12.57 3.50 -5.40
C ALA A 117 14.06 3.65 -5.12
N ASP A 118 14.85 2.72 -5.65
CA ASP A 118 16.30 2.71 -5.55
C ASP A 118 16.98 2.52 -6.94
N GLY A 119 16.19 2.65 -8.02
CA GLY A 119 16.64 2.52 -9.41
C GLY A 119 17.24 1.18 -9.77
N SER A 120 17.00 0.17 -8.94
CA SER A 120 17.55 -1.15 -9.18
C SER A 120 16.49 -2.23 -8.88
N ARG A 121 16.32 -2.64 -7.61
CA ARG A 121 15.34 -3.65 -7.26
C ARG A 121 13.92 -3.06 -7.25
N PHE A 122 13.78 -1.76 -6.94
CA PHE A 122 12.48 -1.08 -6.93
C PHE A 122 12.62 0.13 -7.84
N GLN A 123 11.94 0.12 -8.98
CA GLN A 123 11.97 1.22 -9.91
C GLN A 123 10.61 1.88 -10.08
N VAL A 124 10.63 3.22 -10.26
CA VAL A 124 9.44 4.03 -10.49
C VAL A 124 9.67 4.78 -11.77
N TRP A 125 8.91 4.42 -12.80
CA TRP A 125 9.08 5.02 -14.10
C TRP A 125 7.89 5.86 -14.43
N ASP A 126 8.14 7.08 -14.89
CA ASP A 126 7.08 7.95 -15.40
C ASP A 126 6.86 7.54 -16.85
N TYR A 127 5.63 7.65 -17.31
CA TYR A 127 5.33 7.24 -18.67
C TYR A 127 4.15 7.98 -19.24
N GLU A 128 4.06 7.96 -20.57
CA GLU A 128 2.96 8.52 -21.34
C GLU A 128 2.22 7.31 -21.87
N GLU A 129 0.92 7.44 -22.02
CA GLU A 129 0.03 6.41 -22.52
C GLU A 129 0.53 5.70 -23.79
N GLY A 130 1.08 6.45 -24.72
CA GLY A 130 1.52 5.91 -26.00
C GLY A 130 2.73 4.99 -25.96
N GLU A 131 3.58 5.13 -24.92
CA GLU A 131 4.80 4.34 -24.86
C GLU A 131 4.80 3.12 -23.92
N VAL A 132 3.62 2.68 -23.48
CA VAL A 132 3.56 1.57 -22.55
C VAL A 132 4.21 0.26 -23.13
N GLU A 133 3.99 -0.05 -24.43
CA GLU A 133 4.58 -1.24 -25.06
C GLU A 133 6.10 -1.13 -25.18
N ALA A 134 6.57 0.05 -25.59
CA ALA A 134 7.98 0.29 -25.76
C ALA A 134 8.76 0.31 -24.46
N LEU A 135 8.19 0.86 -23.35
CA LEU A 135 9.01 0.90 -22.13
C LEU A 135 8.97 -0.46 -21.39
N LEU A 136 7.92 -1.29 -21.57
CA LEU A 136 7.95 -2.64 -21.01
C LEU A 136 8.99 -3.49 -21.80
N ASP A 137 9.14 -3.24 -23.13
CA ASP A 137 10.16 -3.88 -23.95
C ASP A 137 11.55 -3.51 -23.41
N ARG A 138 11.84 -2.20 -23.20
CA ARG A 138 13.11 -1.72 -22.65
C ARG A 138 13.38 -2.32 -21.26
N TYR A 139 12.35 -2.39 -20.41
CA TYR A 139 12.51 -2.97 -19.07
C TYR A 139 12.88 -4.47 -19.10
N PHE A 140 12.10 -5.29 -19.86
CA PHE A 140 12.30 -6.73 -19.89
C PHE A 140 13.37 -7.21 -20.85
N GLU A 141 13.72 -6.41 -21.86
CA GLU A 141 14.80 -6.79 -22.77
C GLU A 141 16.18 -6.55 -22.12
N ALA A 142 16.27 -5.60 -21.16
CA ALA A 142 17.51 -5.32 -20.44
C ALA A 142 17.96 -6.49 -19.53
N ARG B 2 5.53 2.62 28.22
CA ARG B 2 4.56 3.14 27.25
C ARG B 2 4.94 2.78 25.81
N PRO B 3 3.94 2.40 24.98
CA PRO B 3 4.26 2.00 23.61
C PRO B 3 4.60 3.13 22.65
N ALA B 4 5.47 2.82 21.69
CA ALA B 4 5.85 3.72 20.62
C ALA B 4 4.74 3.51 19.54
N LEU B 5 3.99 4.58 19.19
CA LEU B 5 2.89 4.43 18.23
C LEU B 5 3.22 5.06 16.87
N TYR B 6 2.78 4.43 15.78
CA TYR B 6 2.98 4.95 14.44
C TYR B 6 1.63 5.28 13.84
N PHE B 7 1.42 6.53 13.40
CA PHE B 7 0.17 6.88 12.72
C PHE B 7 0.44 7.10 11.20
N CYS B 8 -0.18 6.27 10.33
CA CYS B 8 -0.05 6.30 8.86
C CYS B 8 -0.64 7.53 8.26
N GLY B 9 -0.16 7.88 7.06
CA GLY B 9 -0.53 9.09 6.32
C GLY B 9 0.12 10.32 6.94
N SER B 10 1.16 10.08 7.78
CA SER B 10 1.98 10.96 8.59
C SER B 10 3.31 10.19 8.88
N ARG B 18 -7.68 16.00 8.17
CA ARG B 18 -6.86 16.99 8.90
C ARG B 18 -7.31 17.14 10.37
N THR B 19 -8.47 17.74 10.64
CA THR B 19 -8.97 17.90 12.00
C THR B 19 -9.36 16.51 12.60
N LEU B 20 -9.83 15.57 11.76
CA LEU B 20 -10.15 14.22 12.25
C LEU B 20 -8.83 13.46 12.57
N TYR B 21 -7.80 13.64 11.74
CA TYR B 21 -6.50 13.03 12.00
C TYR B 21 -5.87 13.61 13.26
N GLU B 22 -6.07 14.92 13.51
CA GLU B 22 -5.58 15.58 14.71
C GLU B 22 -6.29 15.01 15.94
N ARG B 23 -7.60 14.71 15.85
CA ARG B 23 -8.35 14.07 16.95
C ARG B 23 -7.78 12.67 17.25
N ILE B 24 -7.45 11.89 16.20
CA ILE B 24 -6.90 10.55 16.36
C ILE B 24 -5.56 10.64 17.06
N VAL B 25 -4.66 11.50 16.54
CA VAL B 25 -3.32 11.69 17.09
C VAL B 25 -3.35 12.22 18.54
N SER B 26 -4.28 13.15 18.88
CA SER B 26 -4.36 13.65 20.27
C SER B 26 -4.73 12.51 21.22
N ARG B 27 -5.70 11.67 20.81
CA ARG B 27 -6.09 10.55 21.64
C ARG B 27 -4.99 9.52 21.72
N LEU B 28 -4.26 9.28 20.61
CA LEU B 28 -3.14 8.34 20.63
C LEU B 28 -2.09 8.74 21.65
N ARG B 29 -1.85 10.06 21.79
CA ARG B 29 -0.90 10.64 22.74
C ARG B 29 -1.19 10.26 24.18
N ARG B 30 -2.46 10.05 24.53
CA ARG B 30 -2.87 9.61 25.86
C ARG B 30 -2.38 8.19 26.19
N PHE B 31 -1.93 7.40 25.18
CA PHE B 31 -1.46 6.02 25.39
C PHE B 31 0.02 5.76 25.09
N GLY B 32 0.70 6.66 24.41
CA GLY B 32 2.13 6.46 24.12
C GLY B 32 2.76 7.52 23.26
N THR B 33 4.04 7.33 22.93
CA THR B 33 4.76 8.26 22.10
C THR B 33 4.41 8.09 20.63
N VAL B 34 3.68 9.07 20.05
CA VAL B 34 3.39 9.03 18.63
C VAL B 34 4.64 9.45 17.88
N LEU B 35 5.39 8.48 17.33
CA LEU B 35 6.63 8.68 16.59
C LEU B 35 6.48 9.57 15.34
N THR B 36 5.28 9.66 14.78
CA THR B 36 5.00 10.40 13.55
C THR B 36 4.38 11.80 13.79
N GLY B 54 15.59 13.47 -0.87
CA GLY B 54 14.33 14.19 -0.88
C GLY B 54 13.20 13.27 -0.45
N ASP B 55 12.46 12.72 -1.43
CA ASP B 55 11.42 11.74 -1.15
C ASP B 55 12.07 10.46 -0.57
N ARG B 56 13.31 10.13 -0.97
CA ARG B 56 14.08 8.98 -0.47
C ARG B 56 14.32 9.13 1.03
N LEU B 57 14.63 10.36 1.49
CA LEU B 57 14.86 10.65 2.91
C LEU B 57 13.57 10.44 3.72
N ILE B 58 12.42 10.91 3.17
CA ILE B 58 11.09 10.74 3.78
C ILE B 58 10.82 9.24 4.02
N HIS B 59 11.00 8.42 2.97
CA HIS B 59 10.80 6.98 3.02
C HIS B 59 11.71 6.32 4.08
N GLU B 60 13.00 6.65 4.07
CA GLU B 60 13.93 6.08 5.04
C GLU B 60 13.59 6.44 6.49
N GLN B 61 13.18 7.70 6.72
CA GLN B 61 12.81 8.17 8.05
C GLN B 61 11.54 7.47 8.53
N ASP B 62 10.55 7.35 7.64
CA ASP B 62 9.29 6.69 7.96
C ASP B 62 9.46 5.20 8.23
N LEU B 63 10.27 4.48 7.44
CA LEU B 63 10.51 3.07 7.66
C LEU B 63 11.27 2.82 8.97
N GLU B 64 12.17 3.77 9.38
CA GLU B 64 12.87 3.62 10.67
C GLU B 64 11.89 3.75 11.83
N TRP B 65 10.92 4.67 11.74
CA TRP B 65 9.90 4.82 12.76
C TRP B 65 8.97 3.61 12.80
N LEU B 66 8.64 3.08 11.62
CA LEU B 66 7.76 1.94 11.47
C LEU B 66 8.37 0.71 12.16
N GLN B 67 9.66 0.50 11.92
CA GLN B 67 10.43 -0.58 12.48
C GLN B 67 10.47 -0.54 14.02
N GLN B 68 10.46 0.65 14.62
CA GLN B 68 10.51 0.88 16.06
C GLN B 68 9.16 0.99 16.75
N ALA B 69 8.06 0.92 16.00
CA ALA B 69 6.73 1.06 16.56
C ALA B 69 6.27 -0.20 17.27
N ASP B 70 5.36 -0.06 18.22
CA ASP B 70 4.75 -1.18 18.90
C ASP B 70 3.33 -1.37 18.28
N VAL B 71 2.59 -0.27 18.11
CA VAL B 71 1.27 -0.29 17.46
C VAL B 71 1.29 0.63 16.23
N VAL B 72 0.70 0.17 15.13
CA VAL B 72 0.59 0.97 13.93
C VAL B 72 -0.90 1.23 13.71
N VAL B 73 -1.28 2.50 13.66
CA VAL B 73 -2.64 2.92 13.44
C VAL B 73 -2.76 3.61 12.09
N ALA B 74 -3.73 3.19 11.29
CA ALA B 74 -3.95 3.79 9.99
C ALA B 74 -5.41 4.17 9.85
N GLU B 75 -5.71 5.33 9.28
CA GLU B 75 -7.10 5.71 8.98
C GLU B 75 -7.18 5.35 7.48
N VAL B 76 -7.96 4.32 7.14
CA VAL B 76 -7.99 3.80 5.79
C VAL B 76 -9.23 4.18 5.00
N THR B 77 -9.93 5.27 5.40
CA THR B 77 -11.12 5.69 4.64
C THR B 77 -10.77 6.19 3.25
N GLN B 78 -9.72 7.01 3.14
CA GLN B 78 -9.31 7.58 1.87
C GLN B 78 -8.32 6.68 1.14
N PRO B 79 -8.58 6.35 -0.15
CA PRO B 79 -7.60 5.56 -0.92
C PRO B 79 -6.21 6.26 -0.92
N SER B 80 -5.16 5.53 -0.62
CA SER B 80 -3.82 6.09 -0.51
C SER B 80 -2.78 5.02 -0.73
N LEU B 81 -1.91 5.23 -1.69
CA LEU B 81 -0.82 4.30 -1.97
C LEU B 81 0.18 4.30 -0.78
N GLY B 82 0.44 5.48 -0.23
CA GLY B 82 1.34 5.67 0.91
C GLY B 82 0.87 4.97 2.16
N VAL B 83 -0.42 5.13 2.52
CA VAL B 83 -0.96 4.43 3.70
C VAL B 83 -0.92 2.89 3.50
N GLY B 84 -1.29 2.43 2.30
CA GLY B 84 -1.26 1.01 1.99
C GLY B 84 0.14 0.43 2.07
N TYR B 85 1.13 1.15 1.55
CA TYR B 85 2.52 0.71 1.56
C TYR B 85 3.02 0.62 2.98
N GLU B 86 2.63 1.56 3.86
CA GLU B 86 3.03 1.54 5.25
C GLU B 86 2.45 0.31 5.94
N LEU B 87 1.21 -0.07 5.62
CA LEU B 87 0.55 -1.25 6.16
C LEU B 87 1.25 -2.53 5.69
N GLY B 88 1.60 -2.58 4.41
CA GLY B 88 2.28 -3.74 3.83
C GLY B 88 3.62 -3.97 4.49
N ARG B 89 4.41 -2.90 4.65
CA ARG B 89 5.71 -2.97 5.34
C ARG B 89 5.49 -3.29 6.83
N ALA B 90 4.46 -2.73 7.47
CA ALA B 90 4.12 -2.96 8.88
C ALA B 90 3.76 -4.43 9.16
N VAL B 91 3.01 -5.10 8.24
CA VAL B 91 2.67 -6.51 8.40
C VAL B 91 3.96 -7.32 8.27
N ALA B 92 4.79 -7.00 7.25
CA ALA B 92 6.03 -7.73 7.04
C ALA B 92 7.07 -7.49 8.18
N PHE B 93 6.96 -6.37 8.92
CA PHE B 93 7.75 -6.08 10.13
C PHE B 93 7.10 -6.71 11.39
N ASN B 94 5.99 -7.48 11.26
CA ASN B 94 5.25 -8.13 12.33
C ASN B 94 4.77 -7.17 13.41
N LYS B 95 4.15 -6.05 13.02
CA LYS B 95 3.60 -5.11 14.01
C LYS B 95 2.11 -5.37 14.30
N ARG B 96 1.62 -4.88 15.44
CA ARG B 96 0.20 -4.92 15.80
C ARG B 96 -0.40 -3.75 14.99
N ILE B 97 -1.45 -4.01 14.22
CA ILE B 97 -2.06 -3.02 13.34
C ILE B 97 -3.53 -2.82 13.64
N LEU B 98 -3.93 -1.54 13.74
CA LEU B 98 -5.32 -1.14 13.86
C LEU B 98 -5.65 -0.18 12.71
N CYS B 99 -6.59 -0.59 11.86
CA CYS B 99 -7.10 0.23 10.77
C CYS B 99 -8.45 0.74 11.15
N LEU B 100 -8.71 2.01 10.93
CA LEU B 100 -9.98 2.70 11.24
C LEU B 100 -10.64 3.11 9.90
N PHE B 101 -11.86 2.65 9.65
CA PHE B 101 -12.54 2.93 8.39
C PHE B 101 -13.94 3.50 8.67
N ARG B 102 -14.38 4.54 7.94
CA ARG B 102 -15.72 5.08 8.13
C ARG B 102 -16.60 4.68 6.98
N PRO B 103 -17.58 3.78 7.16
CA PRO B 103 -18.48 3.44 6.06
C PRO B 103 -19.39 4.61 5.64
N GLN B 104 -19.64 5.59 6.54
CA GLN B 104 -20.48 6.75 6.22
C GLN B 104 -19.88 7.67 5.12
N SER B 105 -18.63 7.41 4.72
CA SER B 105 -17.99 8.11 3.63
C SER B 105 -18.58 7.72 2.26
N GLY B 106 -19.33 6.60 2.20
CA GLY B 106 -19.90 6.05 0.96
C GLY B 106 -18.94 5.16 0.18
N ARG B 107 -17.70 5.01 0.67
CA ARG B 107 -16.69 4.19 0.02
C ARG B 107 -16.78 2.74 0.49
N VAL B 108 -16.27 1.80 -0.33
CA VAL B 108 -16.18 0.41 0.07
C VAL B 108 -14.70 0.14 0.26
N LEU B 109 -14.28 -0.19 1.49
CA LEU B 109 -12.89 -0.49 1.82
C LEU B 109 -12.35 -1.63 0.96
N SER B 110 -11.13 -1.43 0.44
CA SER B 110 -10.37 -2.40 -0.34
C SER B 110 -10.44 -3.83 0.23
N ALA B 111 -10.69 -4.82 -0.65
CA ALA B 111 -10.71 -6.22 -0.25
C ALA B 111 -9.36 -6.67 0.31
N MET B 112 -8.24 -6.01 -0.07
CA MET B 112 -6.91 -6.34 0.41
C MET B 112 -6.66 -5.90 1.85
N ILE B 113 -7.30 -4.82 2.30
CA ILE B 113 -7.12 -4.34 3.67
C ILE B 113 -8.10 -5.08 4.58
N ARG B 114 -9.34 -5.21 4.13
CA ARG B 114 -10.40 -5.94 4.81
C ARG B 114 -9.96 -7.43 5.03
N GLY B 115 -9.40 -8.04 3.99
CA GLY B 115 -8.93 -9.41 4.01
C GLY B 115 -7.64 -9.67 4.77
N ALA B 116 -6.86 -8.62 5.05
CA ALA B 116 -5.64 -8.77 5.85
C ALA B 116 -5.97 -8.94 7.35
N ALA B 117 -7.18 -8.58 7.77
CA ALA B 117 -7.63 -8.67 9.14
C ALA B 117 -7.74 -10.09 9.66
N ASP B 118 -7.06 -10.34 10.77
CA ASP B 118 -7.14 -11.61 11.48
C ASP B 118 -7.89 -11.47 12.85
N GLY B 119 -8.46 -10.29 13.13
CA GLY B 119 -9.19 -9.98 14.35
C GLY B 119 -8.34 -9.93 15.62
N SER B 120 -7.00 -9.99 15.46
CA SER B 120 -6.04 -10.01 16.56
C SER B 120 -4.87 -9.02 16.29
N ARG B 121 -3.73 -9.44 15.69
CA ARG B 121 -2.63 -8.51 15.38
C ARG B 121 -2.94 -7.55 14.18
N PHE B 122 -4.07 -7.75 13.50
CA PHE B 122 -4.47 -6.89 12.39
C PHE B 122 -5.96 -6.78 12.48
N GLN B 123 -6.43 -5.64 12.96
CA GLN B 123 -7.84 -5.40 13.09
C GLN B 123 -8.26 -4.22 12.25
N VAL B 124 -9.44 -4.34 11.66
CA VAL B 124 -10.05 -3.29 10.87
C VAL B 124 -11.35 -2.92 11.60
N TRP B 125 -11.40 -1.71 12.15
CA TRP B 125 -12.58 -1.25 12.85
C TRP B 125 -13.36 -0.20 12.06
N ASP B 126 -14.60 -0.53 11.72
CA ASP B 126 -15.53 0.42 11.10
C ASP B 126 -15.96 1.39 12.23
N TYR B 127 -16.09 2.69 11.93
CA TYR B 127 -16.48 3.67 12.95
C TYR B 127 -17.18 4.90 12.36
N GLU B 128 -17.80 5.67 13.25
CA GLU B 128 -18.47 6.94 13.01
C GLU B 128 -17.53 8.00 13.53
N GLU B 129 -17.44 9.13 12.80
CA GLU B 129 -16.63 10.29 13.19
C GLU B 129 -16.63 10.60 14.71
N GLY B 130 -17.81 10.59 15.33
CA GLY B 130 -18.01 10.95 16.72
C GLY B 130 -17.53 9.97 17.77
N GLU B 131 -17.29 8.71 17.38
CA GLU B 131 -16.87 7.71 18.34
C GLU B 131 -15.39 7.35 18.26
N VAL B 132 -14.59 8.21 17.65
CA VAL B 132 -13.18 7.94 17.45
C VAL B 132 -12.40 7.90 18.80
N GLU B 133 -12.79 8.73 19.79
CA GLU B 133 -12.12 8.73 21.10
C GLU B 133 -12.53 7.50 21.91
N ALA B 134 -13.84 7.17 21.92
CA ALA B 134 -14.37 6.01 22.62
C ALA B 134 -13.79 4.71 22.07
N LEU B 135 -13.55 4.63 20.74
CA LEU B 135 -12.98 3.41 20.16
C LEU B 135 -11.52 3.23 20.50
N LEU B 136 -10.74 4.31 20.46
CA LEU B 136 -9.31 4.24 20.76
C LEU B 136 -9.07 3.91 22.24
N ASP B 137 -9.95 4.41 23.13
CA ASP B 137 -9.89 4.11 24.57
C ASP B 137 -10.13 2.60 24.73
N ARG B 138 -11.14 2.05 24.03
CA ARG B 138 -11.48 0.66 24.08
C ARG B 138 -10.36 -0.21 23.56
N TYR B 139 -9.70 0.20 22.45
CA TYR B 139 -8.59 -0.57 21.88
C TYR B 139 -7.37 -0.59 22.80
N PHE B 140 -7.03 0.55 23.39
CA PHE B 140 -5.84 0.65 24.22
C PHE B 140 -6.06 0.31 25.70
N GLU B 141 -7.23 -0.27 26.06
CA GLU B 141 -7.50 -0.66 27.45
C GLU B 141 -8.09 -2.08 27.52
#